data_1GMH
#
_entry.id   1GMH
#
_cell.length_a   69.900
_cell.length_b   69.900
_cell.length_c   96.700
_cell.angle_alpha   90.00
_cell.angle_beta   90.00
_cell.angle_gamma   90.00
#
_symmetry.space_group_name_H-M   'P 42 21 2'
#
loop_
_entity.id
_entity.type
_entity.pdbx_description
1 polymer 'GAMMA-CHYMOTRYPSIN A'
2 polymer 'GAMMA-CHYMOTRYPSIN A'
3 polymer 'GAMMA-CHYMOTRYPSIN A'
4 non-polymer 'SULFATE ION'
5 non-polymer PHOSPHORYLISOPROPANE
6 water water
#
loop_
_entity_poly.entity_id
_entity_poly.type
_entity_poly.pdbx_seq_one_letter_code
_entity_poly.pdbx_strand_id
1 'polypeptide(L)' CGVPAIQPVLSGL E
2 'polypeptide(L)'
;IVNGEEAVPGSWPWQVSLQDKTGFHFCGGSLINENWVVTAAHCGVTTSDVVVAGEFDQGSSSEKIQKLKIAKVFKNSKYN
SLTINNDITLLKLSTAASFSQTVSAVCLPSASDDFAAGTTCVTTGWGLTRY
;
F
3 'polypeptide(L)'
;ANTPDRLQQASLPLLSNTNCKKYWGTKIKDAMICAGASGVSSCMGDSGGPLVCKKNGAWTLVGIVSWGSSTCSTSTPGVY
ARVTALVNWVQQTLAAN
;
G
#
loop_
_chem_comp.id
_chem_comp.type
_chem_comp.name
_chem_comp.formula
ISP non-polymer PHOSPHORYLISOPROPANE 'C3 H9 O4 P'
SO4 non-polymer 'SULFATE ION' 'O4 S -2'
#
# COMPACT_ATOMS: atom_id res chain seq x y z
N CYS A 1 -4.50 15.36 -5.89
CA CYS A 1 -3.88 14.08 -5.55
C CYS A 1 -3.13 13.46 -6.72
N GLY A 2 -2.38 12.42 -6.40
CA GLY A 2 -1.59 11.57 -7.17
C GLY A 2 -0.60 12.13 -8.17
N VAL A 3 -0.04 13.28 -7.89
CA VAL A 3 0.95 13.98 -8.70
C VAL A 3 2.12 14.44 -7.83
N PRO A 4 3.11 13.58 -7.70
CA PRO A 4 4.31 13.85 -6.93
C PRO A 4 5.07 15.10 -7.41
N ALA A 5 5.64 15.80 -6.43
CA ALA A 5 6.44 17.03 -6.70
C ALA A 5 7.82 16.60 -7.20
N ILE A 6 8.21 15.42 -6.76
CA ILE A 6 9.48 14.78 -7.17
C ILE A 6 9.03 13.56 -8.01
N GLN A 7 9.36 13.61 -9.28
CA GLN A 7 8.95 12.57 -10.23
C GLN A 7 9.67 11.25 -10.07
N PRO A 8 8.84 10.20 -9.93
CA PRO A 8 9.38 8.84 -9.78
C PRO A 8 10.11 8.49 -11.09
N VAL A 9 11.12 7.69 -11.04
CA VAL A 9 11.88 7.22 -12.22
C VAL A 9 11.79 5.68 -12.11
N LEU A 10 11.13 5.08 -13.05
CA LEU A 10 10.90 3.62 -13.07
C LEU A 10 11.87 2.91 -14.02
N ILE B 1 9.90 -5.88 -1.15
CA ILE B 1 9.80 -6.21 -2.56
C ILE B 1 11.08 -6.94 -3.01
N VAL B 2 10.83 -8.08 -3.63
CA VAL B 2 11.91 -8.93 -4.19
C VAL B 2 12.11 -8.49 -5.66
N ASN B 3 13.36 -8.23 -6.00
CA ASN B 3 13.72 -7.83 -7.38
C ASN B 3 13.32 -6.41 -7.69
N GLY B 4 13.06 -5.63 -6.68
CA GLY B 4 12.68 -4.19 -6.93
C GLY B 4 13.99 -3.41 -7.07
N GLU B 5 13.79 -2.10 -7.09
CA GLU B 5 14.87 -1.13 -7.19
C GLU B 5 14.55 0.01 -6.22
N GLU B 6 15.64 0.58 -5.77
CA GLU B 6 15.62 1.72 -4.82
C GLU B 6 14.91 2.87 -5.53
N ALA B 7 14.00 3.52 -4.84
CA ALA B 7 13.26 4.65 -5.44
C ALA B 7 13.98 5.97 -5.29
N VAL B 8 13.48 6.94 -6.06
CA VAL B 8 14.01 8.31 -5.99
C VAL B 8 13.41 8.83 -4.67
N PRO B 9 14.32 9.32 -3.82
CA PRO B 9 13.92 9.80 -2.51
C PRO B 9 12.78 10.80 -2.70
N GLY B 10 11.71 10.53 -1.98
CA GLY B 10 10.53 11.37 -1.97
C GLY B 10 9.62 11.36 -3.15
N SER B 11 9.80 10.45 -4.08
CA SER B 11 8.99 10.35 -5.30
C SER B 11 7.69 9.61 -5.17
N TRP B 12 7.41 9.05 -4.02
CA TRP B 12 6.19 8.33 -3.63
C TRP B 12 5.76 8.96 -2.28
N PRO B 13 5.35 10.21 -2.38
CA PRO B 13 4.98 11.04 -1.25
C PRO B 13 3.87 10.57 -0.37
N TRP B 14 3.03 9.63 -0.82
CA TRP B 14 1.93 9.08 -0.05
C TRP B 14 2.38 7.87 0.78
N GLN B 15 3.46 7.21 0.36
CA GLN B 15 3.98 6.03 1.09
C GLN B 15 4.37 6.34 2.52
N VAL B 16 3.74 5.62 3.47
CA VAL B 16 4.06 5.75 4.87
C VAL B 16 4.60 4.36 5.36
N SER B 17 5.17 4.47 6.54
CA SER B 17 5.75 3.33 7.25
C SER B 17 5.00 3.18 8.61
N LEU B 18 4.53 1.97 8.83
CA LEU B 18 3.85 1.70 10.15
C LEU B 18 4.96 1.15 11.04
N GLN B 19 5.19 1.77 12.19
CA GLN B 19 6.25 1.29 13.09
C GLN B 19 5.63 1.11 14.49
N ASP B 20 6.11 0.10 15.18
CA ASP B 20 5.64 -0.16 16.56
C ASP B 20 6.48 0.84 17.41
N LYS B 21 6.22 0.79 18.67
CA LYS B 21 6.78 1.56 19.77
C LYS B 21 8.29 1.45 19.85
N THR B 22 8.79 0.31 19.39
CA THR B 22 10.24 0.06 19.42
C THR B 22 10.96 0.63 18.21
N GLY B 23 10.25 1.07 17.21
CA GLY B 23 10.89 1.66 15.98
C GLY B 23 10.96 0.61 14.89
N PHE B 24 10.29 -0.50 15.07
CA PHE B 24 10.25 -1.63 14.11
C PHE B 24 9.22 -1.41 13.00
N HIS B 25 9.70 -1.42 11.75
CA HIS B 25 8.80 -1.22 10.58
C HIS B 25 8.06 -2.54 10.41
N PHE B 26 6.73 -2.48 10.36
CA PHE B 26 5.98 -3.76 10.19
C PHE B 26 5.01 -3.79 9.03
N CYS B 27 4.61 -2.67 8.48
CA CYS B 27 3.63 -2.63 7.35
C CYS B 27 3.73 -1.28 6.65
N GLY B 28 3.20 -1.20 5.43
CA GLY B 28 3.20 0.07 4.67
C GLY B 28 1.82 0.69 4.83
N GLY B 29 1.68 1.90 4.31
CA GLY B 29 0.35 2.61 4.37
C GLY B 29 0.42 3.69 3.27
N SER B 30 -0.68 4.33 3.01
CA SER B 30 -0.75 5.42 2.00
C SER B 30 -1.65 6.55 2.53
N LEU B 31 -1.18 7.78 2.42
CA LEU B 31 -1.95 8.96 2.86
C LEU B 31 -3.01 9.23 1.75
N ILE B 32 -4.24 9.47 2.10
CA ILE B 32 -5.31 9.76 1.14
C ILE B 32 -5.77 11.20 1.29
N ASN B 33 -5.19 11.79 2.33
CA ASN B 33 -5.45 13.18 2.72
C ASN B 33 -4.58 13.32 4.00
N GLU B 34 -4.53 14.49 4.52
CA GLU B 34 -3.77 14.92 5.66
C GLU B 34 -4.08 14.26 7.00
N ASN B 35 -5.28 13.72 7.13
CA ASN B 35 -5.71 13.13 8.39
C ASN B 35 -6.01 11.65 8.32
N TRP B 36 -5.83 11.02 7.17
CA TRP B 36 -6.19 9.59 7.04
C TRP B 36 -5.16 8.84 6.22
N VAL B 37 -4.94 7.61 6.62
CA VAL B 37 -4.04 6.61 6.11
C VAL B 37 -4.82 5.29 5.90
N VAL B 38 -4.56 4.73 4.73
CA VAL B 38 -5.22 3.46 4.33
C VAL B 38 -4.12 2.40 4.40
N THR B 39 -4.54 1.30 5.00
CA THR B 39 -3.63 0.16 5.17
C THR B 39 -4.44 -1.13 5.17
N ALA B 40 -3.73 -2.18 5.45
CA ALA B 40 -4.27 -3.55 5.48
C ALA B 40 -4.77 -3.86 6.90
N ALA B 41 -5.97 -4.41 6.89
CA ALA B 41 -6.65 -4.84 8.11
C ALA B 41 -5.75 -5.83 8.85
N HIS B 42 -5.18 -6.76 8.10
CA HIS B 42 -4.31 -7.77 8.74
C HIS B 42 -3.06 -7.20 9.38
N CYS B 43 -2.69 -5.97 9.13
CA CYS B 43 -1.46 -5.42 9.79
C CYS B 43 -1.62 -5.34 11.29
N GLY B 44 -2.85 -5.44 11.74
CA GLY B 44 -3.19 -5.39 13.18
C GLY B 44 -2.66 -4.20 13.90
N VAL B 45 -2.82 -3.03 13.30
CA VAL B 45 -2.36 -1.77 13.89
C VAL B 45 -3.21 -1.42 15.12
N THR B 46 -2.56 -0.86 16.11
CA THR B 46 -3.21 -0.40 17.35
C THR B 46 -2.85 1.12 17.41
N THR B 47 -3.34 1.75 18.42
CA THR B 47 -3.13 3.17 18.69
C THR B 47 -1.75 3.39 19.33
N SER B 48 -1.12 2.30 19.73
CA SER B 48 0.24 2.40 20.30
C SER B 48 1.30 2.44 19.17
N ASP B 49 0.87 2.14 17.95
CA ASP B 49 1.78 2.17 16.76
C ASP B 49 1.89 3.59 16.18
N VAL B 50 2.94 3.84 15.42
CA VAL B 50 3.12 5.20 14.82
C VAL B 50 3.17 5.16 13.30
N VAL B 51 2.65 6.25 12.71
CA VAL B 51 2.67 6.38 11.24
C VAL B 51 3.90 7.29 10.97
N VAL B 52 4.70 6.90 10.02
CA VAL B 52 5.88 7.70 9.67
C VAL B 52 5.84 8.14 8.21
N ALA B 53 5.77 9.45 8.05
CA ALA B 53 5.68 10.03 6.68
C ALA B 53 6.96 10.77 6.29
N GLY B 54 7.10 10.97 4.98
CA GLY B 54 8.22 11.68 4.38
C GLY B 54 9.55 10.97 4.57
N GLU B 55 9.53 9.68 4.75
CA GLU B 55 10.77 8.90 4.98
C GLU B 55 11.24 8.23 3.71
N PHE B 56 12.57 8.06 3.59
CA PHE B 56 13.17 7.40 2.43
C PHE B 56 14.08 6.26 2.96
N ASP B 57 15.08 6.67 3.69
CA ASP B 57 16.09 5.78 4.30
C ASP B 57 15.87 5.66 5.81
N GLN B 58 15.36 4.52 6.23
CA GLN B 58 15.07 4.26 7.66
C GLN B 58 16.34 4.20 8.49
N GLY B 59 17.46 4.24 7.82
CA GLY B 59 18.78 4.20 8.43
C GLY B 59 19.27 5.59 8.83
N SER B 60 18.91 6.57 8.04
CA SER B 60 19.33 7.95 8.28
C SER B 60 18.61 8.63 9.43
N SER B 61 19.41 9.54 10.02
CA SER B 61 18.94 10.32 11.18
C SER B 61 18.83 11.79 10.82
N SER B 62 19.20 12.12 9.59
CA SER B 62 19.19 13.49 9.11
C SER B 62 17.99 13.80 8.22
N GLU B 63 17.09 12.84 8.02
CA GLU B 63 15.92 13.17 7.15
C GLU B 63 14.87 13.83 8.03
N LYS B 64 14.09 14.70 7.44
CA LYS B 64 13.01 15.43 8.09
C LYS B 64 11.70 14.68 7.93
N ILE B 65 11.52 13.69 8.80
CA ILE B 65 10.33 12.85 8.81
C ILE B 65 9.31 13.37 9.82
N GLN B 66 8.09 12.90 9.60
CA GLN B 66 6.96 13.25 10.46
C GLN B 66 6.50 11.94 11.16
N LYS B 67 6.51 11.96 12.46
CA LYS B 67 6.05 10.81 13.27
C LYS B 67 4.66 11.25 13.76
N LEU B 68 3.68 10.59 13.21
CA LEU B 68 2.26 10.88 13.47
C LEU B 68 1.60 9.81 14.35
N LYS B 69 0.92 10.30 15.36
CA LYS B 69 0.18 9.44 16.30
C LYS B 69 -1.11 8.99 15.64
N ILE B 70 -1.61 7.87 16.09
CA ILE B 70 -2.90 7.32 15.56
C ILE B 70 -4.01 7.63 16.55
N ALA B 71 -5.09 8.26 16.07
CA ALA B 71 -6.22 8.60 16.94
C ALA B 71 -7.20 7.45 17.05
N LYS B 72 -7.46 6.80 15.93
CA LYS B 72 -8.40 5.70 15.84
C LYS B 72 -8.10 4.75 14.70
N VAL B 73 -8.50 3.51 14.93
CA VAL B 73 -8.35 2.39 14.00
C VAL B 73 -9.74 1.93 13.53
N PHE B 74 -9.95 2.04 12.22
CA PHE B 74 -11.21 1.66 11.59
C PHE B 74 -11.05 0.43 10.67
N LYS B 75 -11.29 -0.72 11.23
CA LYS B 75 -11.22 -1.98 10.46
C LYS B 75 -12.57 -2.14 9.74
N ASN B 76 -12.48 -2.42 8.47
CA ASN B 76 -13.72 -2.63 7.65
C ASN B 76 -14.45 -3.81 8.26
N SER B 77 -15.74 -3.62 8.59
CA SER B 77 -16.51 -4.72 9.21
C SER B 77 -16.68 -5.93 8.29
N LYS B 78 -16.41 -5.73 7.03
CA LYS B 78 -16.54 -6.81 6.01
C LYS B 78 -15.31 -7.69 5.98
N TYR B 79 -14.26 -7.22 6.62
CA TYR B 79 -12.96 -7.93 6.72
C TYR B 79 -13.20 -9.30 7.37
N ASN B 80 -12.81 -10.30 6.63
CA ASN B 80 -12.90 -11.71 7.02
C ASN B 80 -11.44 -12.19 7.11
N SER B 81 -11.00 -12.25 8.34
CA SER B 81 -9.63 -12.66 8.65
C SER B 81 -9.37 -14.10 8.26
N LEU B 82 -10.44 -14.86 8.08
CA LEU B 82 -10.30 -16.29 7.71
C LEU B 82 -9.92 -16.41 6.25
N THR B 83 -10.54 -15.58 5.46
CA THR B 83 -10.31 -15.58 4.01
C THR B 83 -9.46 -14.41 3.55
N ILE B 84 -9.18 -13.51 4.47
CA ILE B 84 -8.40 -12.31 4.20
C ILE B 84 -9.10 -11.50 3.10
N ASN B 85 -10.44 -11.56 3.11
CA ASN B 85 -11.17 -10.77 2.11
C ASN B 85 -11.49 -9.38 2.71
N ASN B 86 -11.52 -8.41 1.82
CA ASN B 86 -11.81 -7.02 2.21
C ASN B 86 -10.80 -6.56 3.26
N ASP B 87 -9.54 -6.83 2.97
CA ASP B 87 -8.39 -6.52 3.81
C ASP B 87 -8.00 -5.04 3.80
N ILE B 88 -8.81 -4.25 4.46
CA ILE B 88 -8.55 -2.80 4.51
C ILE B 88 -8.89 -2.22 5.88
N THR B 89 -8.04 -1.30 6.30
CA THR B 89 -8.17 -0.58 7.56
C THR B 89 -7.85 0.93 7.28
N LEU B 90 -8.64 1.75 7.92
CA LEU B 90 -8.45 3.21 7.84
C LEU B 90 -7.83 3.60 9.21
N LEU B 91 -6.91 4.50 9.12
CA LEU B 91 -6.20 5.02 10.30
C LEU B 91 -6.47 6.53 10.37
N LYS B 92 -7.09 6.96 11.44
CA LYS B 92 -7.37 8.41 11.62
C LYS B 92 -6.27 8.93 12.55
N LEU B 93 -5.49 9.86 12.06
CA LEU B 93 -4.35 10.49 12.72
C LEU B 93 -4.72 11.53 13.76
N SER B 94 -3.94 11.56 14.85
CA SER B 94 -4.19 12.53 15.95
C SER B 94 -3.78 13.93 15.48
N THR B 95 -2.66 14.02 14.84
CA THR B 95 -2.17 15.29 14.25
C THR B 95 -2.09 15.01 12.71
N ALA B 96 -2.57 16.01 12.00
CA ALA B 96 -2.61 15.98 10.56
C ALA B 96 -1.17 16.05 10.04
N ALA B 97 -0.95 15.32 8.98
CA ALA B 97 0.37 15.29 8.31
C ALA B 97 0.53 16.69 7.67
N SER B 98 1.77 17.06 7.46
CA SER B 98 2.00 18.41 6.81
C SER B 98 2.40 18.09 5.37
N PHE B 99 1.61 18.48 4.40
CA PHE B 99 1.95 18.19 2.98
C PHE B 99 3.11 19.07 2.54
N SER B 100 4.05 18.44 1.85
CA SER B 100 5.24 19.13 1.36
C SER B 100 5.59 18.47 0.00
N GLN B 101 6.82 18.75 -0.38
CA GLN B 101 7.35 18.18 -1.64
C GLN B 101 7.45 16.66 -1.48
N THR B 102 7.66 16.20 -0.26
CA THR B 102 7.80 14.76 0.03
C THR B 102 6.63 14.11 0.71
N VAL B 103 5.54 14.82 0.97
CA VAL B 103 4.35 14.22 1.65
C VAL B 103 3.11 14.84 1.01
N SER B 104 2.35 13.98 0.35
CA SER B 104 1.14 14.28 -0.36
C SER B 104 0.29 13.01 -0.51
N ALA B 105 -0.92 13.25 -0.99
CA ALA B 105 -1.90 12.16 -1.14
C ALA B 105 -1.99 11.46 -2.47
N VAL B 106 -2.38 10.16 -2.33
CA VAL B 106 -2.58 9.39 -3.60
C VAL B 106 -4.06 9.57 -3.91
N CYS B 107 -4.47 9.41 -5.15
CA CYS B 107 -5.84 9.55 -5.61
C CYS B 107 -6.58 8.22 -5.39
N LEU B 108 -7.83 8.28 -5.14
CA LEU B 108 -8.69 7.09 -4.97
C LEU B 108 -9.52 7.00 -6.29
N PRO B 109 -9.78 5.79 -6.71
CA PRO B 109 -10.59 5.61 -7.94
C PRO B 109 -12.08 5.65 -7.59
N SER B 110 -12.92 5.66 -8.63
CA SER B 110 -14.39 5.61 -8.46
C SER B 110 -14.75 4.12 -8.49
N ALA B 111 -15.87 3.76 -7.89
CA ALA B 111 -16.27 2.33 -7.88
C ALA B 111 -16.30 1.77 -9.31
N SER B 112 -16.65 2.59 -10.27
CA SER B 112 -16.72 2.17 -11.70
C SER B 112 -15.38 2.20 -12.39
N ASP B 113 -14.35 2.63 -11.68
CA ASP B 113 -13.01 2.74 -12.27
C ASP B 113 -12.55 1.35 -12.74
N ASP B 114 -12.08 1.37 -13.96
CA ASP B 114 -11.56 0.18 -14.66
C ASP B 114 -10.04 0.16 -14.79
N PHE B 115 -9.48 -0.96 -14.35
CA PHE B 115 -8.02 -1.20 -14.41
C PHE B 115 -7.85 -2.58 -15.08
N ALA B 116 -7.63 -2.55 -16.38
CA ALA B 116 -7.49 -3.75 -17.20
C ALA B 116 -6.24 -4.58 -16.98
N ALA B 117 -6.48 -5.89 -17.19
CA ALA B 117 -5.35 -6.86 -17.02
C ALA B 117 -4.29 -6.47 -18.02
N GLY B 118 -3.02 -6.61 -17.63
CA GLY B 118 -1.92 -6.25 -18.54
C GLY B 118 -1.41 -4.85 -18.34
N THR B 119 -2.16 -4.06 -17.59
CA THR B 119 -1.81 -2.67 -17.26
C THR B 119 -0.58 -2.70 -16.34
N THR B 120 0.42 -1.89 -16.68
CA THR B 120 1.59 -1.88 -15.80
C THR B 120 1.36 -0.84 -14.71
N CYS B 121 1.44 -1.32 -13.50
CA CYS B 121 1.26 -0.48 -12.29
C CYS B 121 2.55 -0.59 -11.49
N VAL B 122 2.55 0.04 -10.34
CA VAL B 122 3.75 0.06 -9.48
C VAL B 122 3.39 -0.19 -8.03
N THR B 123 4.28 -0.95 -7.38
CA THR B 123 4.06 -1.17 -5.91
C THR B 123 5.33 -0.69 -5.22
N THR B 124 5.24 -0.21 -3.98
CA THR B 124 6.32 0.30 -3.18
C THR B 124 6.27 -0.15 -1.72
N GLY B 125 7.48 -0.18 -1.11
CA GLY B 125 7.63 -0.55 0.26
C GLY B 125 9.03 -0.89 0.76
N TRP B 126 9.06 -1.13 2.08
CA TRP B 126 10.26 -1.54 2.79
C TRP B 126 10.16 -3.00 3.23
N GLY B 127 9.42 -3.80 2.49
CA GLY B 127 9.30 -5.24 2.81
C GLY B 127 10.62 -5.92 2.39
N LEU B 128 10.74 -7.17 2.83
CA LEU B 128 11.97 -7.94 2.54
C LEU B 128 12.29 -7.87 1.05
N THR B 129 13.57 -7.76 0.78
CA THR B 129 14.08 -7.69 -0.61
C THR B 129 14.51 -9.10 -1.03
N ARG B 130 14.55 -9.96 -0.03
CA ARG B 130 14.93 -11.37 -0.19
C ARG B 130 14.40 -12.20 0.96
N TYR B 131 13.80 -13.32 0.54
CA TYR B 131 13.23 -14.28 1.45
C TYR B 131 14.27 -15.37 1.73
N ASN C 2 17.40 -8.65 6.06
CA ASN C 2 16.91 -8.89 4.70
C ASN C 2 15.93 -7.72 4.36
N THR C 3 15.90 -6.81 5.32
CA THR C 3 15.03 -5.63 5.24
C THR C 3 15.83 -4.38 4.86
N PRO C 4 15.32 -3.76 3.81
CA PRO C 4 15.94 -2.56 3.26
C PRO C 4 15.73 -1.32 4.09
N ASP C 5 16.82 -0.53 4.10
CA ASP C 5 16.78 0.75 4.81
C ASP C 5 15.99 1.74 3.89
N ARG C 6 16.31 1.64 2.64
CA ARG C 6 15.73 2.51 1.58
C ARG C 6 14.55 1.91 0.85
N LEU C 7 13.59 2.78 0.59
CA LEU C 7 12.35 2.49 -0.09
C LEU C 7 12.59 1.91 -1.48
N GLN C 8 11.90 0.80 -1.70
CA GLN C 8 12.00 0.08 -2.98
C GLN C 8 10.69 0.26 -3.75
N GLN C 9 10.80 0.09 -5.05
CA GLN C 9 9.76 0.21 -6.04
C GLN C 9 9.88 -0.94 -7.03
N ALA C 10 8.78 -1.17 -7.72
CA ALA C 10 8.70 -2.22 -8.75
C ALA C 10 7.43 -2.07 -9.60
N SER C 11 7.68 -2.18 -10.89
CA SER C 11 6.70 -2.15 -11.94
C SER C 11 6.16 -3.59 -12.08
N LEU C 12 4.88 -3.69 -12.25
CA LEU C 12 4.22 -5.02 -12.38
C LEU C 12 2.87 -4.88 -13.07
N PRO C 13 2.45 -5.94 -13.73
CA PRO C 13 1.19 -5.97 -14.45
C PRO C 13 0.04 -6.56 -13.64
N LEU C 14 -1.15 -6.04 -13.96
CA LEU C 14 -2.38 -6.51 -13.32
C LEU C 14 -2.87 -7.78 -14.04
N LEU C 15 -3.46 -8.68 -13.25
CA LEU C 15 -4.03 -9.89 -13.89
C LEU C 15 -5.54 -9.81 -13.69
N SER C 16 -6.20 -10.75 -14.35
CA SER C 16 -7.68 -10.89 -14.26
C SER C 16 -7.88 -11.88 -13.10
N ASN C 17 -8.98 -11.78 -12.40
CA ASN C 17 -9.35 -12.63 -11.27
C ASN C 17 -9.44 -14.07 -11.80
N THR C 18 -10.00 -14.18 -13.00
CA THR C 18 -10.12 -15.48 -13.66
C THR C 18 -8.79 -16.17 -13.81
N ASN C 19 -7.84 -15.38 -14.34
CA ASN C 19 -6.49 -15.87 -14.59
C ASN C 19 -5.69 -16.06 -13.31
N CYS C 20 -6.06 -15.32 -12.28
CA CYS C 20 -5.31 -15.43 -10.99
C CYS C 20 -5.73 -16.68 -10.26
N LYS C 21 -6.93 -17.14 -10.58
CA LYS C 21 -7.49 -18.35 -9.97
C LYS C 21 -6.76 -19.59 -10.43
N LYS C 22 -5.85 -19.45 -11.39
CA LYS C 22 -5.07 -20.61 -11.89
C LYS C 22 -3.98 -20.87 -10.85
N TYR C 23 -3.61 -19.76 -10.19
CA TYR C 23 -2.57 -19.85 -9.16
C TYR C 23 -3.14 -20.09 -7.75
N TRP C 24 -4.14 -19.32 -7.38
CA TRP C 24 -4.74 -19.33 -6.05
C TRP C 24 -6.09 -19.99 -5.96
N GLY C 25 -6.64 -20.42 -7.09
CA GLY C 25 -7.93 -21.09 -7.07
C GLY C 25 -8.97 -20.20 -6.36
N THR C 26 -9.81 -20.87 -5.61
CA THR C 26 -10.90 -20.33 -4.83
C THR C 26 -10.55 -19.34 -3.74
N LYS C 27 -9.26 -19.12 -3.52
CA LYS C 27 -8.86 -18.14 -2.47
C LYS C 27 -9.10 -16.72 -2.96
N ILE C 28 -9.24 -16.53 -4.29
CA ILE C 28 -9.46 -15.20 -4.87
C ILE C 28 -10.93 -14.80 -4.81
N LYS C 29 -11.23 -13.74 -4.08
CA LYS C 29 -12.63 -13.24 -3.96
C LYS C 29 -12.83 -11.97 -4.76
N ASP C 30 -14.09 -11.53 -4.89
CA ASP C 30 -14.42 -10.33 -5.64
C ASP C 30 -13.62 -9.09 -5.24
N ALA C 31 -13.37 -8.92 -3.97
CA ALA C 31 -12.67 -7.78 -3.40
C ALA C 31 -11.16 -7.83 -3.46
N MET C 32 -10.61 -8.73 -4.24
CA MET C 32 -9.22 -8.96 -4.48
C MET C 32 -8.87 -8.75 -5.96
N ILE C 33 -7.62 -8.34 -6.10
CA ILE C 33 -7.03 -8.09 -7.45
C ILE C 33 -5.58 -8.59 -7.35
N CYS C 34 -5.18 -9.29 -8.39
CA CYS C 34 -3.79 -9.83 -8.41
C CYS C 34 -2.93 -8.99 -9.37
N ALA C 35 -1.63 -9.05 -9.09
CA ALA C 35 -0.58 -8.37 -9.80
C ALA C 35 0.78 -9.06 -9.59
N GLY C 36 1.58 -9.03 -10.62
CA GLY C 36 2.93 -9.60 -10.58
C GLY C 36 3.09 -10.87 -11.35
N ALA C 37 3.83 -11.80 -10.72
CA ALA C 37 4.11 -13.08 -11.39
C ALA C 37 4.99 -12.74 -12.60
N SER C 38 5.69 -11.62 -12.48
CA SER C 38 6.55 -11.06 -13.48
C SER C 38 8.03 -10.96 -13.14
N GLY C 39 8.52 -11.62 -12.13
CA GLY C 39 9.97 -11.50 -11.78
C GLY C 39 10.20 -10.62 -10.58
N VAL C 40 9.08 -10.16 -10.01
CA VAL C 40 9.16 -9.31 -8.80
C VAL C 40 8.06 -9.83 -7.86
N SER C 41 8.11 -9.40 -6.62
CA SER C 41 7.11 -9.80 -5.62
C SER C 41 7.05 -8.94 -4.37
N SER C 42 5.84 -8.72 -3.87
CA SER C 42 5.71 -7.97 -2.59
C SER C 42 6.17 -9.02 -1.56
N CYS C 43 6.65 -8.56 -0.44
CA CYS C 43 7.16 -9.55 0.58
C CYS C 43 6.82 -9.06 1.97
N MET C 44 7.17 -9.85 2.96
CA MET C 44 6.89 -9.58 4.36
C MET C 44 7.40 -8.16 4.69
N GLY C 45 6.44 -7.37 5.17
CA GLY C 45 6.73 -5.98 5.56
C GLY C 45 6.17 -4.98 4.56
N ASP C 46 5.79 -5.45 3.39
CA ASP C 46 5.23 -4.64 2.31
C ASP C 46 3.73 -4.39 2.49
N SER C 47 3.07 -5.25 3.25
CA SER C 47 1.64 -5.20 3.51
C SER C 47 1.15 -3.82 3.96
N GLY C 48 -0.07 -3.52 3.51
CA GLY C 48 -0.72 -2.22 3.84
C GLY C 48 -0.33 -1.15 2.81
N GLY C 49 0.75 -1.35 2.12
CA GLY C 49 1.27 -0.41 1.09
C GLY C 49 0.42 -0.44 -0.18
N PRO C 50 0.75 0.50 -1.11
CA PRO C 50 0.05 0.63 -2.36
C PRO C 50 0.57 -0.08 -3.60
N LEU C 51 -0.39 -0.21 -4.47
CA LEU C 51 -0.38 -0.71 -5.82
C LEU C 51 -1.06 0.51 -6.59
N VAL C 52 -0.24 1.27 -7.28
CA VAL C 52 -0.79 2.45 -8.00
C VAL C 52 -0.63 2.29 -9.52
N CYS C 53 -1.62 2.83 -10.23
CA CYS C 53 -1.68 2.82 -11.68
C CYS C 53 -1.88 4.29 -12.13
N LYS C 54 -1.08 4.70 -13.06
CA LYS C 54 -1.14 6.09 -13.61
C LYS C 54 -2.30 6.22 -14.56
N LYS C 55 -3.13 7.26 -14.32
CA LYS C 55 -4.30 7.47 -15.15
C LYS C 55 -4.76 8.91 -15.28
N ASN C 56 -4.79 9.30 -16.56
CA ASN C 56 -5.19 10.67 -16.93
C ASN C 56 -4.17 11.57 -16.20
N GLY C 57 -2.94 11.03 -16.11
CA GLY C 57 -1.84 11.72 -15.50
C GLY C 57 -1.64 11.60 -14.01
N ALA C 58 -2.56 11.04 -13.27
CA ALA C 58 -2.38 10.94 -11.80
C ALA C 58 -2.24 9.52 -11.29
N TRP C 59 -1.44 9.36 -10.23
CA TRP C 59 -1.29 8.02 -9.61
C TRP C 59 -2.54 7.71 -8.80
N THR C 60 -3.14 6.57 -9.10
CA THR C 60 -4.38 6.14 -8.43
C THR C 60 -4.24 4.83 -7.68
N LEU C 61 -4.73 4.83 -6.42
CA LEU C 61 -4.65 3.62 -5.57
C LEU C 61 -5.61 2.55 -6.07
N VAL C 62 -5.04 1.51 -6.68
CA VAL C 62 -5.82 0.42 -7.22
C VAL C 62 -5.89 -0.80 -6.30
N GLY C 63 -4.86 -0.99 -5.49
CA GLY C 63 -4.80 -2.11 -4.56
C GLY C 63 -3.98 -1.85 -3.31
N ILE C 64 -4.12 -2.80 -2.39
CA ILE C 64 -3.38 -2.71 -1.09
C ILE C 64 -2.65 -4.04 -0.88
N VAL C 65 -1.36 -3.93 -0.67
CA VAL C 65 -0.58 -5.20 -0.46
C VAL C 65 -1.26 -6.00 0.64
N SER C 66 -1.80 -7.16 0.26
CA SER C 66 -2.53 -8.01 1.20
C SER C 66 -1.90 -9.34 1.53
N TRP C 67 -1.77 -10.23 0.56
CA TRP C 67 -1.18 -11.57 0.86
C TRP C 67 -0.57 -12.13 -0.40
N GLY C 68 0.18 -13.23 -0.27
CA GLY C 68 0.79 -13.85 -1.51
C GLY C 68 1.54 -15.13 -1.01
N SER C 69 2.49 -15.51 -1.82
CA SER C 69 3.35 -16.67 -1.62
C SER C 69 4.08 -16.59 -0.29
N SER C 70 4.11 -17.72 0.41
CA SER C 70 4.79 -17.72 1.73
C SER C 70 6.28 -17.55 1.53
N THR C 71 6.75 -17.60 0.29
CA THR C 71 8.20 -17.44 0.04
C THR C 71 8.53 -16.26 -0.85
N CYS C 72 7.49 -15.50 -1.11
CA CYS C 72 7.66 -14.29 -1.96
C CYS C 72 8.22 -14.66 -3.33
N SER C 73 7.68 -15.73 -3.86
CA SER C 73 8.04 -16.26 -5.19
C SER C 73 7.67 -15.23 -6.26
N THR C 74 8.65 -14.84 -7.05
CA THR C 74 8.45 -13.84 -8.09
C THR C 74 7.71 -14.32 -9.33
N SER C 75 7.38 -15.59 -9.35
CA SER C 75 6.67 -16.24 -10.45
C SER C 75 5.22 -16.55 -10.12
N THR C 76 4.81 -16.09 -8.95
CA THR C 76 3.40 -16.31 -8.53
C THR C 76 2.85 -14.93 -8.20
N PRO C 77 1.59 -14.73 -8.57
CA PRO C 77 0.92 -13.46 -8.39
C PRO C 77 0.69 -13.08 -6.94
N GLY C 78 0.85 -11.80 -6.68
CA GLY C 78 0.66 -11.13 -5.37
C GLY C 78 -0.84 -10.80 -5.31
N VAL C 79 -1.39 -10.80 -4.10
CA VAL C 79 -2.84 -10.50 -3.96
C VAL C 79 -2.95 -9.15 -3.22
N TYR C 80 -3.82 -8.34 -3.77
CA TYR C 80 -4.09 -6.98 -3.28
C TYR C 80 -5.60 -6.80 -3.07
N ALA C 81 -5.89 -5.90 -2.13
CA ALA C 81 -7.30 -5.56 -1.79
C ALA C 81 -7.75 -4.70 -2.96
N ARG C 82 -8.88 -5.04 -3.57
CA ARG C 82 -9.28 -4.21 -4.78
C ARG C 82 -9.94 -2.96 -4.32
N VAL C 83 -9.24 -1.82 -4.49
CA VAL C 83 -9.76 -0.53 -3.98
C VAL C 83 -11.13 -0.16 -4.52
N THR C 84 -11.49 -0.48 -5.74
CA THR C 84 -12.79 -0.10 -6.32
C THR C 84 -13.99 -0.68 -5.59
N ALA C 85 -13.76 -1.80 -4.95
CA ALA C 85 -14.74 -2.55 -4.20
C ALA C 85 -14.89 -2.07 -2.77
N LEU C 86 -13.92 -1.26 -2.34
CA LEU C 86 -13.88 -0.75 -0.97
C LEU C 86 -13.95 0.76 -0.85
N VAL C 87 -13.83 1.46 -1.97
CA VAL C 87 -13.83 2.93 -1.96
C VAL C 87 -15.09 3.51 -1.35
N ASN C 88 -16.23 2.88 -1.58
CA ASN C 88 -17.52 3.41 -1.03
C ASN C 88 -17.46 3.39 0.50
N TRP C 89 -16.95 2.33 1.06
CA TRP C 89 -16.81 2.26 2.54
C TRP C 89 -15.84 3.36 3.00
N VAL C 90 -14.72 3.51 2.30
CA VAL C 90 -13.73 4.56 2.67
C VAL C 90 -14.40 5.93 2.68
N GLN C 91 -15.27 6.16 1.72
CA GLN C 91 -16.01 7.43 1.60
C GLN C 91 -17.08 7.60 2.68
N GLN C 92 -17.71 6.52 3.06
CA GLN C 92 -18.74 6.54 4.11
C GLN C 92 -18.06 6.86 5.45
N THR C 93 -16.91 6.26 5.69
CA THR C 93 -16.09 6.40 6.91
C THR C 93 -15.50 7.79 7.10
N LEU C 94 -15.04 8.37 6.00
CA LEU C 94 -14.43 9.72 6.02
C LEU C 94 -15.52 10.77 6.26
N ALA C 95 -16.66 10.52 5.62
CA ALA C 95 -17.80 11.42 5.74
C ALA C 95 -18.27 11.56 7.19
N ALA C 96 -18.50 10.42 7.79
CA ALA C 96 -18.98 10.22 9.13
C ALA C 96 -18.01 10.43 10.26
N ASN C 97 -16.74 10.67 9.96
CA ASN C 97 -15.73 10.85 11.03
C ASN C 97 -14.73 11.94 10.72
S SO4 D . -17.95 -0.08 9.57
O1 SO4 D . -18.95 0.71 8.81
O2 SO4 D . -16.67 0.65 9.77
O3 SO4 D . -18.51 -0.61 10.82
O4 SO4 D . -17.57 -1.28 8.69
S SO4 E . 19.37 -0.74 1.89
O1 SO4 E . 19.47 -1.08 3.35
O2 SO4 E . 19.02 -2.00 1.14
O3 SO4 E . 18.30 0.28 1.66
O4 SO4 E . 20.67 -0.19 1.39
C1 ISP F . 1.66 -10.05 1.30
C2 ISP F . 2.90 -9.78 2.24
C3 ISP F . 3.88 -10.84 2.12
P ISP F . 2.31 -8.59 4.54
O1P ISP F . 2.43 -9.69 3.49
O2P ISP F . 1.71 -9.27 5.81
O3P ISP F . 3.59 -8.00 4.78
#